data_7YKI
#
_entry.id   7YKI
#
_cell.length_a   65.975
_cell.length_b   78.909
_cell.length_c   92.997
_cell.angle_alpha   90.000
_cell.angle_beta   90.000
_cell.angle_gamma   90.000
#
_symmetry.space_group_name_H-M   'P 21 2 21'
#
loop_
_entity.id
_entity.type
_entity.pdbx_description
1 polymer 'Membrane-associated guanylate kinase, WW and PDZ domain-containing protein 2'
2 polymer SAPAP1
3 non-polymer 'PHOSPHATE ION'
4 non-polymer GLYCEROL
5 water water
#
loop_
_entity_poly.entity_id
_entity_poly.type
_entity_poly.pdbx_seq_one_letter_code
_entity_poly.pdbx_strand_id
1 'polypeptide(L)'
;GPGSSHWTSKVHESVIGRNPEGQLGFELKGGAENGQFPYLGEVKPGKVAYESGSKLVSEELLLEVNETPVAGLTIRDVLA
VIKHCKDPLRLKCVKQGGIVDKDLRHYLNLRFQKGSVDHELQQIIRDNLYLRTVPCTTRPHKEGEVPGVDYIFITVEEFM
ELEKSGALLESGTYEDNYYGTPKPPAEPAPLLNVTDQILPGATPSAEGKRKRNKSVTNMEKASIEPPEEEEEER
;
A,C
2 'polypeptide(L)' IRSH(SEP)YLRAVSEVS B,D
#
loop_
_chem_comp.id
_chem_comp.type
_chem_comp.name
_chem_comp.formula
GOL non-polymer GLYCEROL 'C3 H8 O3'
PO4 non-polymer 'PHOSPHATE ION' 'O4 P -3'
#
# COMPACT_ATOMS: atom_id res chain seq x y z
N SER A 5 2.54 -35.33 7.79
CA SER A 5 2.58 -34.45 8.98
C SER A 5 2.59 -32.97 8.56
N HIS A 6 2.38 -32.13 9.55
CA HIS A 6 2.10 -30.74 9.28
C HIS A 6 3.38 -30.05 8.78
N TRP A 7 3.20 -29.05 7.92
CA TRP A 7 4.23 -28.09 7.57
C TRP A 7 4.82 -27.47 8.84
N THR A 8 3.96 -27.18 9.84
CA THR A 8 4.38 -26.50 11.04
C THR A 8 4.82 -27.47 12.14
N SER A 9 5.02 -28.77 11.86
CA SER A 9 5.35 -29.70 12.92
C SER A 9 6.70 -29.36 13.59
N LYS A 10 7.69 -28.87 12.84
CA LYS A 10 9.00 -28.56 13.43
C LYS A 10 9.15 -27.12 13.88
N VAL A 11 8.06 -26.37 14.01
CA VAL A 11 8.13 -24.98 14.42
C VAL A 11 8.49 -24.94 15.90
N HIS A 12 9.32 -23.98 16.28
CA HIS A 12 9.75 -23.76 17.65
C HIS A 12 10.09 -22.28 17.86
N GLU A 13 10.21 -21.91 19.13
CA GLU A 13 10.57 -20.57 19.53
C GLU A 13 11.97 -20.61 20.16
N SER A 14 12.89 -19.88 19.54
CA SER A 14 14.21 -19.63 20.07
C SER A 14 14.30 -18.18 20.53
N VAL A 15 14.94 -17.94 21.67
CA VAL A 15 15.02 -16.61 22.27
C VAL A 15 16.49 -16.15 22.25
N ILE A 16 16.73 -14.95 21.71
CA ILE A 16 18.07 -14.42 21.59
C ILE A 16 18.11 -12.98 22.07
N GLY A 17 19.33 -12.54 22.40
CA GLY A 17 19.65 -11.13 22.59
C GLY A 17 20.48 -10.64 21.41
N ARG A 18 20.57 -9.33 21.23
CA ARG A 18 21.54 -8.77 20.31
C ARG A 18 22.86 -8.63 21.06
N ASN A 19 23.96 -8.64 20.31
CA ASN A 19 25.30 -8.46 20.84
C ASN A 19 25.51 -6.99 21.17
N PRO A 20 26.66 -6.61 21.80
CA PRO A 20 26.99 -5.21 22.04
C PRO A 20 26.82 -4.27 20.84
N GLU A 21 27.14 -4.78 19.64
CA GLU A 21 27.03 -4.03 18.39
C GLU A 21 25.59 -3.94 17.88
N GLY A 22 24.61 -4.54 18.58
CA GLY A 22 23.22 -4.52 18.14
C GLY A 22 22.91 -5.51 17.00
N GLN A 23 23.82 -6.45 16.74
CA GLN A 23 23.65 -7.47 15.71
C GLN A 23 23.12 -8.79 16.33
N LEU A 24 22.62 -9.69 15.48
CA LEU A 24 21.87 -10.86 15.90
C LEU A 24 22.79 -12.06 16.13
N GLY A 25 23.88 -12.10 15.37
CA GLY A 25 24.80 -13.23 15.36
C GLY A 25 24.70 -14.04 14.08
N PHE A 26 23.70 -13.71 13.24
CA PHE A 26 23.50 -14.36 11.96
C PHE A 26 22.93 -13.32 11.01
N GLU A 27 23.06 -13.56 9.71
CA GLU A 27 22.49 -12.70 8.68
C GLU A 27 21.07 -13.19 8.36
N LEU A 28 20.18 -12.26 8.00
CA LEU A 28 18.88 -12.57 7.40
C LEU A 28 19.00 -12.62 5.88
N LYS A 29 18.44 -13.69 5.30
CA LYS A 29 18.43 -13.89 3.88
C LYS A 29 16.98 -14.03 3.39
N GLY A 30 16.81 -13.95 2.08
CA GLY A 30 15.57 -14.31 1.43
C GLY A 30 14.63 -13.12 1.47
N GLY A 31 13.38 -13.32 1.84
CA GLY A 31 12.41 -12.23 1.80
C GLY A 31 11.59 -12.28 0.51
N ALA A 32 10.38 -11.71 0.60
CA ALA A 32 9.41 -11.78 -0.47
C ALA A 32 9.92 -11.13 -1.78
N GLU A 33 10.81 -10.15 -1.71
CA GLU A 33 11.36 -9.50 -2.89
C GLU A 33 12.15 -10.52 -3.73
N ASN A 34 12.69 -11.56 -3.06
CA ASN A 34 13.37 -12.69 -3.68
C ASN A 34 12.44 -13.88 -3.81
N GLY A 35 11.15 -13.68 -3.57
CA GLY A 35 10.23 -14.80 -3.65
C GLY A 35 10.42 -15.83 -2.55
N GLN A 36 10.96 -15.40 -1.40
CA GLN A 36 11.29 -16.35 -0.36
C GLN A 36 10.75 -15.90 0.98
N PHE A 37 10.62 -16.91 1.85
CA PHE A 37 10.59 -16.71 3.28
C PHE A 37 11.84 -15.93 3.69
N PRO A 38 11.80 -15.16 4.79
CA PRO A 38 13.04 -14.72 5.43
C PRO A 38 13.59 -15.97 6.09
N TYR A 39 14.90 -16.15 6.02
CA TYR A 39 15.53 -17.33 6.57
C TYR A 39 16.94 -16.96 7.04
N LEU A 40 17.50 -17.79 7.92
CA LEU A 40 18.77 -17.42 8.55
C LEU A 40 19.91 -17.77 7.62
N GLY A 41 20.99 -17.01 7.71
CA GLY A 41 22.22 -17.48 7.10
C GLY A 41 22.81 -18.64 7.90
N GLU A 42 24.13 -18.81 7.84
CA GLU A 42 24.82 -19.78 8.67
C GLU A 42 24.73 -19.36 10.13
N VAL A 43 24.42 -20.34 10.97
CA VAL A 43 24.41 -20.16 12.41
C VAL A 43 25.62 -20.89 12.94
N LYS A 44 26.71 -20.15 13.17
CA LYS A 44 27.94 -20.73 13.72
C LYS A 44 27.78 -20.91 15.22
N PRO A 45 28.23 -22.04 15.81
CA PRO A 45 28.12 -22.22 17.26
C PRO A 45 28.91 -21.12 17.97
N GLY A 46 28.34 -20.62 19.08
CA GLY A 46 28.95 -19.59 19.89
C GLY A 46 28.59 -18.16 19.46
N LYS A 47 28.21 -17.96 18.19
CA LYS A 47 28.06 -16.61 17.68
C LYS A 47 26.76 -15.97 18.16
N VAL A 48 25.77 -16.77 18.57
CA VAL A 48 24.45 -16.25 18.92
C VAL A 48 24.27 -16.19 20.43
N ALA A 49 23.70 -15.10 20.92
CA ALA A 49 23.45 -14.94 22.36
C ALA A 49 22.06 -15.46 22.75
N TYR A 50 21.96 -16.76 23.00
CA TYR A 50 20.68 -17.37 23.35
C TYR A 50 20.32 -17.12 24.79
N GLU A 51 19.02 -17.04 25.07
CA GLU A 51 18.49 -17.31 26.40
C GLU A 51 17.99 -18.76 26.39
N SER A 52 17.66 -19.29 27.57
CA SER A 52 17.29 -20.69 27.71
C SER A 52 16.20 -21.04 26.69
N GLY A 53 16.31 -22.27 26.17
CA GLY A 53 15.32 -22.80 25.24
C GLY A 53 15.97 -23.30 23.95
N SER A 54 15.18 -23.35 22.90
CA SER A 54 15.57 -24.01 21.67
C SER A 54 16.58 -23.14 20.92
N LYS A 55 17.39 -23.80 20.08
CA LYS A 55 18.50 -23.15 19.40
C LYS A 55 18.18 -23.24 17.93
N LEU A 56 19.05 -22.65 17.12
CA LEU A 56 18.77 -22.51 15.70
C LEU A 56 19.83 -23.26 14.90
N VAL A 57 19.38 -24.01 13.87
CA VAL A 57 20.27 -24.42 12.81
C VAL A 57 20.35 -23.35 11.75
N SER A 58 21.41 -23.49 10.93
CA SER A 58 21.58 -22.69 9.74
C SER A 58 20.32 -22.78 8.90
N GLU A 59 19.89 -21.63 8.33
CA GLU A 59 18.92 -21.57 7.25
C GLU A 59 17.50 -21.88 7.71
N GLU A 60 17.23 -21.79 9.01
CA GLU A 60 15.82 -21.92 9.44
C GLU A 60 14.95 -20.82 8.82
N LEU A 61 13.68 -21.12 8.46
CA LEU A 61 12.75 -20.07 8.07
C LEU A 61 12.31 -19.29 9.29
N LEU A 62 12.25 -17.96 9.19
CA LEU A 62 11.81 -17.08 10.26
C LEU A 62 10.35 -16.71 9.99
N LEU A 63 9.48 -17.00 10.97
CA LEU A 63 8.04 -16.82 10.80
C LEU A 63 7.55 -15.63 11.59
N GLU A 64 8.02 -15.47 12.82
CA GLU A 64 7.57 -14.42 13.71
C GLU A 64 8.72 -13.86 14.56
N VAL A 65 8.56 -12.58 14.92
CA VAL A 65 9.44 -11.89 15.86
C VAL A 65 8.58 -11.25 16.93
N ASN A 66 8.75 -11.69 18.19
CA ASN A 66 7.99 -11.13 19.31
C ASN A 66 6.50 -11.13 18.98
N GLU A 67 6.04 -12.27 18.45
CA GLU A 67 4.65 -12.48 18.07
C GLU A 67 4.19 -11.53 16.96
N THR A 68 5.10 -10.85 16.24
CA THR A 68 4.71 -10.20 14.98
C THR A 68 5.07 -11.12 13.83
N PRO A 69 4.09 -11.64 13.05
CA PRO A 69 4.45 -12.48 11.90
C PRO A 69 5.21 -11.68 10.84
N VAL A 70 6.33 -12.24 10.36
CA VAL A 70 7.18 -11.54 9.41
C VAL A 70 7.30 -12.33 8.11
N ALA A 71 6.99 -13.63 8.10
CA ALA A 71 6.99 -14.39 6.87
C ALA A 71 5.98 -13.77 5.89
N GLY A 72 6.44 -13.60 4.65
CA GLY A 72 5.69 -12.95 3.61
C GLY A 72 6.08 -11.48 3.44
N LEU A 73 6.87 -10.92 4.37
CA LEU A 73 7.39 -9.56 4.21
C LEU A 73 8.76 -9.59 3.51
N THR A 74 9.21 -8.41 3.13
CA THR A 74 10.54 -8.21 2.58
C THR A 74 11.54 -8.14 3.71
N ILE A 75 12.83 -8.27 3.38
CA ILE A 75 13.87 -8.25 4.41
C ILE A 75 13.88 -6.89 5.11
N ARG A 76 13.66 -5.82 4.37
CA ARG A 76 13.60 -4.49 4.96
C ARG A 76 12.53 -4.46 6.06
N ASP A 77 11.35 -5.00 5.77
CA ASP A 77 10.27 -4.94 6.73
C ASP A 77 10.61 -5.80 7.96
N VAL A 78 11.24 -6.96 7.72
CA VAL A 78 11.63 -7.83 8.83
C VAL A 78 12.60 -7.09 9.74
N LEU A 79 13.59 -6.42 9.15
CA LEU A 79 14.55 -5.68 9.94
C LEU A 79 13.87 -4.51 10.67
N ALA A 80 12.85 -3.91 10.07
CA ALA A 80 12.13 -2.83 10.71
C ALA A 80 11.35 -3.34 11.91
N VAL A 81 10.75 -4.55 11.83
CA VAL A 81 10.07 -5.14 12.97
C VAL A 81 11.10 -5.36 14.09
N ILE A 82 12.25 -5.96 13.73
CA ILE A 82 13.29 -6.28 14.72
C ILE A 82 13.78 -4.99 15.38
N LYS A 83 14.10 -3.93 14.62
CA LYS A 83 14.51 -2.65 15.18
C LYS A 83 13.50 -2.09 16.18
N HIS A 84 12.19 -2.42 16.13
CA HIS A 84 11.24 -1.88 17.09
C HIS A 84 10.92 -2.87 18.20
N CYS A 85 11.58 -4.03 18.23
CA CYS A 85 11.41 -4.97 19.33
C CYS A 85 12.48 -4.73 20.38
N LYS A 86 12.09 -4.89 21.65
CA LYS A 86 13.01 -4.91 22.76
C LYS A 86 13.49 -6.35 22.97
N ASP A 87 14.79 -6.50 23.28
CA ASP A 87 15.33 -7.74 23.78
C ASP A 87 14.57 -8.24 25.00
N PRO A 88 14.45 -9.57 25.19
CA PRO A 88 14.95 -10.54 24.21
C PRO A 88 13.99 -10.75 23.03
N LEU A 89 14.57 -11.13 21.88
CA LEU A 89 13.81 -11.42 20.68
C LEU A 89 13.35 -12.87 20.73
N ARG A 90 12.03 -13.09 20.71
CA ARG A 90 11.46 -14.42 20.56
C ARG A 90 11.24 -14.67 19.06
N LEU A 91 12.00 -15.60 18.48
CA LEU A 91 11.91 -15.96 17.08
C LEU A 91 11.19 -17.29 16.95
N LYS A 92 10.05 -17.31 16.25
CA LYS A 92 9.44 -18.54 15.80
CA LYS A 92 9.43 -18.53 15.81
C LYS A 92 10.03 -18.89 14.44
N CYS A 93 10.65 -20.07 14.38
CA CYS A 93 11.38 -20.54 13.22
C CYS A 93 11.04 -22.00 12.93
N VAL A 94 11.41 -22.45 11.73
CA VAL A 94 11.23 -23.83 11.34
C VAL A 94 12.39 -24.20 10.43
N LYS A 95 13.04 -25.35 10.69
CA LYS A 95 14.15 -25.76 9.86
C LYS A 95 13.63 -26.23 8.51
N GLN A 96 14.40 -25.96 7.46
CA GLN A 96 14.09 -26.43 6.11
C GLN A 96 14.36 -27.92 5.97
N GLY A 97 13.56 -28.60 5.14
CA GLY A 97 13.70 -30.01 4.80
C GLY A 97 12.32 -30.61 4.61
N GLY A 98 12.22 -31.67 3.79
CA GLY A 98 10.94 -32.25 3.43
C GLY A 98 10.05 -31.21 2.76
N ILE A 99 8.85 -30.98 3.31
CA ILE A 99 7.88 -30.09 2.66
C ILE A 99 8.19 -28.64 2.97
N VAL A 100 9.08 -28.37 3.93
CA VAL A 100 9.38 -27.02 4.36
C VAL A 100 10.57 -26.51 3.55
N ASP A 101 10.31 -25.44 2.79
CA ASP A 101 11.28 -24.84 1.89
C ASP A 101 11.04 -23.32 1.82
N LYS A 102 12.12 -22.59 1.54
CA LYS A 102 12.10 -21.14 1.57
C LYS A 102 11.34 -20.52 0.39
N ASP A 103 10.99 -21.31 -0.63
CA ASP A 103 10.33 -20.80 -1.83
C ASP A 103 8.86 -20.45 -1.56
N LEU A 104 8.47 -19.18 -1.71
CA LEU A 104 7.13 -18.73 -1.34
C LEU A 104 6.10 -19.21 -2.34
N ARG A 105 6.50 -19.25 -3.61
CA ARG A 105 5.60 -19.69 -4.65
C ARG A 105 5.13 -21.12 -4.39
N HIS A 106 6.08 -22.00 -4.13
CA HIS A 106 5.75 -23.38 -3.81
C HIS A 106 4.85 -23.41 -2.56
N TYR A 107 5.25 -22.68 -1.51
CA TYR A 107 4.48 -22.68 -0.26
C TYR A 107 3.04 -22.25 -0.47
N LEU A 108 2.84 -21.18 -1.26
CA LEU A 108 1.52 -20.58 -1.41
C LEU A 108 0.63 -21.43 -2.33
N ASN A 109 1.21 -22.42 -3.00
CA ASN A 109 0.44 -23.37 -3.76
C ASN A 109 0.06 -24.59 -2.91
N LEU A 110 0.65 -24.77 -1.73
CA LEU A 110 0.27 -25.92 -0.92
C LEU A 110 -1.16 -25.73 -0.45
N ARG A 111 -1.85 -26.85 -0.31
CA ARG A 111 -3.24 -26.87 0.12
C ARG A 111 -3.29 -27.56 1.48
N PHE A 112 -3.75 -26.81 2.47
CA PHE A 112 -3.79 -27.27 3.84
C PHE A 112 -5.26 -27.41 4.23
N GLN A 113 -5.52 -28.24 5.24
CA GLN A 113 -6.88 -28.41 5.73
C GLN A 113 -7.41 -27.14 6.38
N LYS A 114 -8.65 -26.78 6.05
CA LYS A 114 -9.28 -25.58 6.60
C LYS A 114 -9.26 -25.64 8.14
N GLY A 115 -8.91 -24.50 8.74
CA GLY A 115 -8.84 -24.34 10.18
C GLY A 115 -7.56 -24.89 10.82
N SER A 116 -6.76 -25.69 10.10
CA SER A 116 -5.51 -26.24 10.63
C SER A 116 -4.54 -25.14 11.03
N VAL A 117 -3.53 -25.48 11.83
CA VAL A 117 -2.47 -24.53 12.15
C VAL A 117 -1.74 -24.13 10.86
N ASP A 118 -1.51 -25.12 9.97
CA ASP A 118 -0.85 -24.92 8.69
C ASP A 118 -1.58 -23.92 7.81
N HIS A 119 -2.93 -24.07 7.76
CA HIS A 119 -3.79 -23.16 7.01
C HIS A 119 -3.76 -21.75 7.59
N GLU A 120 -3.91 -21.61 8.91
CA GLU A 120 -3.90 -20.31 9.56
C GLU A 120 -2.57 -19.58 9.29
N LEU A 121 -1.45 -20.29 9.35
CA LEU A 121 -0.17 -19.66 9.05
C LEU A 121 -0.12 -19.18 7.59
N GLN A 122 -0.53 -20.03 6.66
CA GLN A 122 -0.55 -19.67 5.25
C GLN A 122 -1.39 -18.40 5.00
N GLN A 123 -2.53 -18.26 5.71
CA GLN A 123 -3.35 -17.07 5.59
C GLN A 123 -2.62 -15.83 6.14
N ILE A 124 -1.92 -16.00 7.24
CA ILE A 124 -1.17 -14.89 7.84
C ILE A 124 -0.09 -14.44 6.86
N ILE A 125 0.59 -15.41 6.23
CA ILE A 125 1.69 -15.10 5.31
C ILE A 125 1.15 -14.38 4.09
N ARG A 126 -0.01 -14.84 3.57
CA ARG A 126 -0.66 -14.20 2.43
C ARG A 126 -1.02 -12.76 2.77
N ASP A 127 -1.61 -12.53 3.95
CA ASP A 127 -1.96 -11.19 4.39
C ASP A 127 -0.71 -10.30 4.41
N ASN A 128 0.43 -10.80 4.91
CA ASN A 128 1.68 -10.04 4.92
C ASN A 128 2.11 -9.68 3.51
N LEU A 129 2.13 -10.67 2.60
CA LEU A 129 2.52 -10.41 1.22
C LEU A 129 1.58 -9.40 0.53
N TYR A 130 0.27 -9.49 0.81
CA TYR A 130 -0.71 -8.57 0.26
C TYR A 130 -0.49 -7.13 0.74
N LEU A 131 0.01 -6.92 1.98
CA LEU A 131 0.36 -5.58 2.44
C LEU A 131 1.45 -4.97 1.57
N ARG A 132 2.24 -5.80 0.88
CA ARG A 132 3.43 -5.27 0.26
C ARG A 132 3.33 -5.24 -1.26
N THR A 133 2.19 -5.68 -1.81
CA THR A 133 2.09 -5.96 -3.24
C THR A 133 0.81 -5.38 -3.83
N VAL A 134 0.90 -5.03 -5.11
CA VAL A 134 -0.28 -4.70 -5.88
C VAL A 134 -0.57 -5.93 -6.73
N PRO A 135 -1.80 -6.47 -6.74
CA PRO A 135 -2.09 -7.62 -7.60
C PRO A 135 -2.12 -7.25 -9.10
N CYS A 136 -1.89 -8.24 -9.94
CA CYS A 136 -2.07 -8.06 -11.36
CA CYS A 136 -2.03 -8.12 -11.38
C CYS A 136 -3.29 -8.85 -11.81
N THR A 137 -3.92 -8.31 -12.85
CA THR A 137 -5.04 -9.02 -13.45
C THR A 137 -5.06 -8.76 -14.95
N THR A 138 -5.70 -9.69 -15.68
CA THR A 138 -5.84 -9.55 -17.11
C THR A 138 -7.24 -9.04 -17.42
N ARG A 139 -8.09 -8.94 -16.42
CA ARG A 139 -9.39 -8.34 -16.64
C ARG A 139 -9.23 -6.83 -16.83
N PRO A 140 -10.11 -6.21 -17.63
CA PRO A 140 -10.04 -4.77 -17.89
C PRO A 140 -10.32 -3.90 -16.66
N HIS A 141 -9.70 -2.72 -16.65
CA HIS A 141 -9.95 -1.67 -15.67
C HIS A 141 -11.45 -1.36 -15.62
N LYS A 142 -11.98 -1.13 -14.41
CA LYS A 142 -13.33 -0.62 -14.30
C LYS A 142 -13.32 0.70 -13.52
N GLU A 143 -14.41 1.45 -13.69
CA GLU A 143 -14.65 2.72 -13.04
C GLU A 143 -14.32 2.64 -11.56
N GLY A 144 -13.53 3.59 -11.07
CA GLY A 144 -13.22 3.63 -9.64
C GLY A 144 -11.84 3.08 -9.29
N GLU A 145 -11.23 2.30 -10.19
CA GLU A 145 -9.97 1.66 -9.84
C GLU A 145 -8.83 2.54 -10.31
N VAL A 146 -7.74 2.47 -9.56
CA VAL A 146 -6.55 3.20 -9.88
C VAL A 146 -5.46 2.23 -10.36
N PRO A 147 -5.04 2.29 -11.64
CA PRO A 147 -3.98 1.43 -12.14
C PRO A 147 -2.69 1.67 -11.39
N GLY A 148 -1.98 0.58 -11.08
CA GLY A 148 -0.76 0.72 -10.32
C GLY A 148 -0.98 0.62 -8.82
N VAL A 149 -2.24 0.70 -8.37
CA VAL A 149 -2.55 0.85 -6.96
C VAL A 149 -3.57 -0.22 -6.54
N ASP A 150 -4.71 -0.28 -7.21
CA ASP A 150 -5.69 -1.33 -6.99
C ASP A 150 -5.26 -2.61 -7.71
N TYR A 151 -4.84 -2.47 -8.98
CA TYR A 151 -4.31 -3.57 -9.79
C TYR A 151 -3.33 -3.00 -10.77
N ILE A 152 -2.38 -3.84 -11.15
CA ILE A 152 -1.65 -3.69 -12.39
CA ILE A 152 -1.65 -3.68 -12.39
C ILE A 152 -2.44 -4.41 -13.48
N PHE A 153 -2.92 -3.64 -14.48
CA PHE A 153 -3.74 -4.20 -15.54
C PHE A 153 -2.81 -4.63 -16.67
N ILE A 154 -2.72 -5.94 -16.94
CA ILE A 154 -1.76 -6.40 -17.94
C ILE A 154 -2.48 -7.33 -18.90
N THR A 155 -1.83 -7.64 -20.03
CA THR A 155 -2.41 -8.58 -20.97
C THR A 155 -2.10 -10.01 -20.49
N VAL A 156 -2.84 -10.96 -21.06
CA VAL A 156 -2.60 -12.39 -20.86
C VAL A 156 -1.17 -12.70 -21.23
N GLU A 157 -0.72 -12.13 -22.35
CA GLU A 157 0.62 -12.40 -22.82
C GLU A 157 1.58 -12.04 -21.71
N GLU A 158 1.42 -10.82 -21.15
CA GLU A 158 2.32 -10.31 -20.12
C GLU A 158 2.21 -11.17 -18.85
N PHE A 159 0.99 -11.56 -18.51
CA PHE A 159 0.78 -12.34 -17.29
C PHE A 159 1.50 -13.69 -17.40
N MET A 160 1.44 -14.32 -18.59
CA MET A 160 2.07 -15.61 -18.74
C MET A 160 3.60 -15.48 -18.73
N GLU A 161 4.16 -14.37 -19.24
CA GLU A 161 5.60 -14.14 -19.15
C GLU A 161 6.01 -14.05 -17.68
N LEU A 162 5.21 -13.36 -16.86
CA LEU A 162 5.53 -13.26 -15.45
C LEU A 162 5.44 -14.63 -14.81
N GLU A 163 4.42 -15.44 -15.15
CA GLU A 163 4.28 -16.76 -14.56
C GLU A 163 5.55 -17.56 -14.88
N LYS A 164 5.96 -17.48 -16.16
CA LYS A 164 7.05 -18.32 -16.66
C LYS A 164 8.35 -17.95 -15.96
N SER A 165 8.55 -16.66 -15.69
CA SER A 165 9.76 -16.18 -15.05
C SER A 165 9.74 -16.35 -13.52
N GLY A 166 8.65 -16.83 -12.91
CA GLY A 166 8.57 -16.98 -11.47
C GLY A 166 8.29 -15.67 -10.71
N ALA A 167 7.84 -14.63 -11.42
CA ALA A 167 7.62 -13.33 -10.81
C ALA A 167 6.29 -13.29 -10.08
N LEU A 168 5.37 -14.20 -10.40
CA LEU A 168 4.12 -14.26 -9.65
C LEU A 168 4.24 -15.28 -8.52
N LEU A 169 4.00 -14.87 -7.27
CA LEU A 169 4.07 -15.77 -6.12
C LEU A 169 2.79 -16.59 -5.91
N GLU A 170 1.69 -16.08 -6.44
CA GLU A 170 0.37 -16.66 -6.30
C GLU A 170 -0.42 -16.28 -7.55
N SER A 171 -1.23 -17.18 -8.07
CA SER A 171 -2.12 -16.85 -9.16
C SER A 171 -3.35 -17.73 -9.11
N GLY A 172 -4.41 -17.22 -9.74
CA GLY A 172 -5.66 -17.95 -9.87
C GLY A 172 -6.49 -17.40 -11.02
N THR A 173 -7.70 -17.94 -11.17
CA THR A 173 -8.58 -17.48 -12.22
C THR A 173 -9.99 -17.32 -11.67
N TYR A 174 -10.71 -16.36 -12.26
CA TYR A 174 -12.06 -16.04 -11.89
C TYR A 174 -12.74 -15.36 -13.08
N GLU A 175 -13.89 -15.92 -13.48
CA GLU A 175 -14.71 -15.37 -14.54
C GLU A 175 -13.86 -15.03 -15.76
N ASP A 176 -13.04 -15.99 -16.21
CA ASP A 176 -12.39 -15.94 -17.50
C ASP A 176 -11.16 -15.04 -17.50
N ASN A 177 -10.71 -14.61 -16.31
CA ASN A 177 -9.48 -13.83 -16.23
C ASN A 177 -8.51 -14.41 -15.20
N TYR A 178 -7.25 -14.01 -15.36
CA TYR A 178 -6.16 -14.41 -14.52
C TYR A 178 -5.86 -13.31 -13.50
N TYR A 179 -5.53 -13.76 -12.28
CA TYR A 179 -5.24 -12.91 -11.15
C TYR A 179 -4.00 -13.44 -10.49
N GLY A 180 -3.12 -12.54 -10.04
CA GLY A 180 -1.91 -12.96 -9.35
C GLY A 180 -1.24 -11.85 -8.56
N THR A 181 -0.29 -12.24 -7.72
CA THR A 181 0.45 -11.35 -6.85
C THR A 181 1.91 -11.49 -7.25
N PRO A 182 2.53 -10.39 -7.73
CA PRO A 182 3.95 -10.39 -8.05
C PRO A 182 4.81 -10.24 -6.80
N LYS A 183 6.09 -10.52 -6.99
CA LYS A 183 7.05 -10.25 -5.94
C LYS A 183 7.01 -8.76 -5.62
N PRO A 184 7.10 -8.34 -4.34
CA PRO A 184 7.20 -6.92 -4.03
C PRO A 184 8.58 -6.42 -4.43
N PRO A 185 8.70 -5.10 -4.71
CA PRO A 185 9.99 -4.46 -4.92
C PRO A 185 10.90 -4.62 -3.70
N ALA A 186 12.22 -4.63 -3.94
CA ALA A 186 13.20 -4.76 -2.87
C ALA A 186 13.26 -3.50 -2.00
N GLU A 187 13.72 -2.39 -2.58
CA GLU A 187 13.97 -1.15 -1.84
C GLU A 187 15.24 -1.33 -1.00
N SER B 5 -22.05 29.13 0.08
CA SER B 5 -22.52 27.87 -0.56
C SER B 5 -21.44 26.80 -0.52
N HIS B 6 -21.82 25.60 -0.94
CA HIS B 6 -21.00 24.41 -0.84
C HIS B 6 -19.65 24.61 -1.54
N TRP B 7 -18.62 23.94 -1.03
CA TRP B 7 -17.37 23.74 -1.74
C TRP B 7 -17.62 23.20 -3.15
N THR B 8 -18.58 22.29 -3.30
CA THR B 8 -18.81 21.63 -4.57
C THR B 8 -19.86 22.36 -5.43
N SER B 9 -20.27 23.57 -5.08
CA SER B 9 -21.34 24.23 -5.83
C SER B 9 -20.91 24.51 -7.28
N LYS B 10 -19.64 24.84 -7.56
CA LYS B 10 -19.21 25.18 -8.91
C LYS B 10 -18.67 23.98 -9.71
N VAL B 11 -18.90 22.75 -9.23
CA VAL B 11 -18.40 21.54 -9.88
C VAL B 11 -19.20 21.33 -11.15
N HIS B 12 -18.52 20.94 -12.22
CA HIS B 12 -19.14 20.67 -13.51
C HIS B 12 -18.34 19.59 -14.25
N GLU B 13 -18.98 19.04 -15.28
CA GLU B 13 -18.39 18.02 -16.13
C GLU B 13 -18.12 18.62 -17.51
N SER B 14 -16.84 18.69 -17.86
CA SER B 14 -16.37 19.03 -19.19
C SER B 14 -15.88 17.77 -19.89
N VAL B 15 -16.22 17.63 -21.18
CA VAL B 15 -15.92 16.42 -21.93
C VAL B 15 -14.94 16.75 -23.04
N ILE B 16 -13.83 16.00 -23.10
CA ILE B 16 -12.78 16.30 -24.06
C ILE B 16 -12.34 15.01 -24.72
N GLY B 17 -11.72 15.18 -25.89
CA GLY B 17 -11.03 14.11 -26.60
C GLY B 17 -9.54 14.35 -26.46
N ARG B 18 -8.72 13.33 -26.68
CA ARG B 18 -7.29 13.57 -26.77
C ARG B 18 -7.00 13.96 -28.21
N ASN B 19 -5.92 14.70 -28.39
CA ASN B 19 -5.44 15.12 -29.68
C ASN B 19 -4.82 13.91 -30.38
N PRO B 20 -4.42 14.06 -31.67
CA PRO B 20 -3.72 13.00 -32.40
C PRO B 20 -2.53 12.38 -31.67
N GLU B 21 -1.80 13.20 -30.89
CA GLU B 21 -0.66 12.74 -30.08
C GLU B 21 -1.09 12.01 -28.81
N GLY B 22 -2.39 11.89 -28.51
CA GLY B 22 -2.84 11.26 -27.28
C GLY B 22 -2.68 12.15 -26.05
N GLN B 23 -2.46 13.47 -26.25
CA GLN B 23 -2.38 14.44 -25.17
C GLN B 23 -3.73 15.17 -24.97
N LEU B 24 -3.83 15.90 -23.85
CA LEU B 24 -5.09 16.51 -23.39
C LEU B 24 -5.25 17.91 -23.95
N GLY B 25 -4.11 18.58 -24.16
CA GLY B 25 -4.07 19.95 -24.62
C GLY B 25 -3.77 20.93 -23.48
N PHE B 26 -3.55 20.39 -22.28
CA PHE B 26 -3.18 21.17 -21.11
C PHE B 26 -2.32 20.26 -20.25
N GLU B 27 -1.48 20.87 -19.39
CA GLU B 27 -0.64 20.14 -18.46
C GLU B 27 -1.43 19.93 -17.17
N LEU B 28 -1.18 18.78 -16.53
CA LEU B 28 -1.63 18.50 -15.18
C LEU B 28 -0.58 18.95 -14.16
N LYS B 29 -1.05 19.68 -13.13
CA LYS B 29 -0.18 20.23 -12.11
C LYS B 29 -0.67 19.74 -10.75
N GLY B 30 0.17 19.91 -9.73
CA GLY B 30 -0.23 19.71 -8.36
C GLY B 30 -0.10 18.23 -8.03
N GLY B 31 -1.12 17.66 -7.40
CA GLY B 31 -1.02 16.27 -6.97
C GLY B 31 -0.62 16.19 -5.50
N ALA B 32 -0.99 15.08 -4.88
CA ALA B 32 -0.81 14.87 -3.45
C ALA B 32 0.68 14.89 -3.03
N GLU B 33 1.60 14.51 -3.93
CA GLU B 33 3.03 14.55 -3.64
C GLU B 33 3.47 16.00 -3.37
N ASN B 34 2.76 16.97 -3.97
CA ASN B 34 2.97 18.40 -3.77
C ASN B 34 1.95 18.94 -2.77
N GLY B 35 1.21 18.05 -2.11
CA GLY B 35 0.25 18.51 -1.13
C GLY B 35 -0.95 19.22 -1.76
N GLN B 36 -1.27 18.86 -3.00
CA GLN B 36 -2.28 19.59 -3.73
C GLN B 36 -3.24 18.63 -4.42
N PHE B 37 -4.42 19.18 -4.71
CA PHE B 37 -5.30 18.64 -5.72
C PHE B 37 -4.53 18.59 -7.04
N PRO B 38 -4.93 17.69 -7.96
CA PRO B 38 -4.47 17.80 -9.35
C PRO B 38 -5.29 18.98 -9.89
N TYR B 39 -4.62 19.81 -10.68
CA TYR B 39 -5.28 20.97 -11.26
C TYR B 39 -4.68 21.24 -12.63
N LEU B 40 -5.43 22.00 -13.43
CA LEU B 40 -5.03 22.22 -14.83
C LEU B 40 -3.97 23.30 -14.87
N GLY B 41 -3.02 23.18 -15.80
CA GLY B 41 -2.19 24.34 -16.10
C GLY B 41 -3.00 25.42 -16.81
N GLU B 42 -2.32 26.22 -17.65
CA GLU B 42 -3.03 27.17 -18.49
C GLU B 42 -3.79 26.39 -19.57
N VAL B 43 -5.03 26.81 -19.78
CA VAL B 43 -5.87 26.21 -20.79
C VAL B 43 -5.96 27.22 -21.93
N LYS B 44 -5.06 27.05 -22.92
CA LYS B 44 -4.91 27.97 -24.03
C LYS B 44 -6.04 27.75 -25.04
N PRO B 45 -6.60 28.83 -25.64
CA PRO B 45 -7.61 28.68 -26.69
C PRO B 45 -7.07 27.82 -27.84
N GLY B 46 -7.93 26.93 -28.34
CA GLY B 46 -7.62 26.10 -29.49
C GLY B 46 -6.95 24.78 -29.14
N LYS B 47 -6.33 24.70 -27.95
CA LYS B 47 -5.51 23.55 -27.62
C LYS B 47 -6.39 22.37 -27.23
N VAL B 48 -7.63 22.62 -26.77
CA VAL B 48 -8.43 21.57 -26.15
C VAL B 48 -9.52 21.11 -27.11
N ALA B 49 -9.66 19.79 -27.28
CA ALA B 49 -10.69 19.25 -28.15
C ALA B 49 -11.96 18.91 -27.36
N TYR B 50 -12.84 19.91 -27.18
CA TYR B 50 -14.04 19.72 -26.39
C TYR B 50 -15.14 19.03 -27.19
N GLU B 51 -15.97 18.22 -26.52
CA GLU B 51 -17.28 17.87 -27.00
C GLU B 51 -18.26 18.83 -26.34
N SER B 52 -19.51 18.81 -26.82
CA SER B 52 -20.53 19.72 -26.32
C SER B 52 -20.59 19.65 -24.81
N GLY B 53 -20.78 20.83 -24.20
CA GLY B 53 -20.87 20.96 -22.75
C GLY B 53 -19.96 22.04 -22.24
N SER B 54 -19.70 21.99 -20.93
CA SER B 54 -18.92 23.00 -20.23
C SER B 54 -17.45 22.95 -20.64
N LYS B 55 -16.81 24.10 -20.50
CA LYS B 55 -15.44 24.33 -20.88
C LYS B 55 -14.69 24.56 -19.60
N LEU B 56 -13.39 24.71 -19.73
CA LEU B 56 -12.50 24.79 -18.59
C LEU B 56 -11.80 26.14 -18.57
N VAL B 57 -11.72 26.77 -17.37
CA VAL B 57 -10.76 27.83 -17.14
C VAL B 57 -9.44 27.25 -16.69
N SER B 58 -8.38 28.07 -16.85
CA SER B 58 -7.07 27.74 -16.36
C SER B 58 -7.17 27.39 -14.88
N GLU B 59 -6.41 26.36 -14.48
CA GLU B 59 -6.16 26.04 -13.09
C GLU B 59 -7.39 25.50 -12.35
N GLU B 60 -8.39 24.98 -13.07
CA GLU B 60 -9.48 24.27 -12.39
C GLU B 60 -8.93 23.04 -11.65
N LEU B 61 -9.50 22.70 -10.48
CA LEU B 61 -9.16 21.46 -9.82
C LEU B 61 -9.84 20.30 -10.54
N LEU B 62 -9.11 19.19 -10.70
CA LEU B 62 -9.62 17.98 -11.33
C LEU B 62 -10.00 17.00 -10.23
N LEU B 63 -11.25 16.56 -10.24
CA LEU B 63 -11.79 15.71 -9.18
C LEU B 63 -11.99 14.27 -9.65
N GLU B 64 -12.48 14.10 -10.87
CA GLU B 64 -12.78 12.79 -11.42
C GLU B 64 -12.49 12.73 -12.92
N VAL B 65 -12.19 11.50 -13.37
CA VAL B 65 -12.03 11.16 -14.76
C VAL B 65 -12.88 9.93 -15.04
N ASN B 66 -13.88 10.08 -15.91
CA ASN B 66 -14.78 8.98 -16.28
C ASN B 66 -15.31 8.28 -15.03
N GLU B 67 -15.79 9.09 -14.10
CA GLU B 67 -16.36 8.63 -12.84
C GLU B 67 -15.34 7.88 -11.96
N THR B 68 -14.03 7.93 -12.25
CA THR B 68 -13.04 7.50 -11.26
C THR B 68 -12.54 8.74 -10.50
N PRO B 69 -12.74 8.85 -9.19
CA PRO B 69 -12.17 9.98 -8.43
C PRO B 69 -10.63 9.97 -8.40
N VAL B 70 -10.04 11.12 -8.73
CA VAL B 70 -8.59 11.23 -8.82
C VAL B 70 -8.05 12.24 -7.81
N ALA B 71 -8.89 13.14 -7.30
CA ALA B 71 -8.43 14.06 -6.25
C ALA B 71 -7.96 13.26 -5.05
N GLY B 72 -6.80 13.64 -4.51
CA GLY B 72 -6.13 12.94 -3.45
C GLY B 72 -5.03 11.99 -3.94
N LEU B 73 -4.95 11.78 -5.27
CA LEU B 73 -3.88 10.96 -5.82
C LEU B 73 -2.70 11.84 -6.25
N THR B 74 -1.60 11.17 -6.53
CA THR B 74 -0.45 11.81 -7.13
C THR B 74 -0.68 11.99 -8.61
N ILE B 75 0.15 12.83 -9.23
CA ILE B 75 -0.02 13.08 -10.65
C ILE B 75 0.20 11.78 -11.44
N ARG B 76 1.17 10.97 -11.04
CA ARG B 76 1.42 9.70 -11.71
C ARG B 76 0.16 8.85 -11.74
N ASP B 77 -0.54 8.76 -10.60
CA ASP B 77 -1.75 7.95 -10.53
C ASP B 77 -2.84 8.55 -11.39
N VAL B 78 -2.96 9.89 -11.41
CA VAL B 78 -3.97 10.54 -12.22
C VAL B 78 -3.73 10.22 -13.69
N LEU B 79 -2.47 10.31 -14.12
CA LEU B 79 -2.14 9.98 -15.50
C LEU B 79 -2.41 8.52 -15.78
N ALA B 80 -2.17 7.64 -14.80
CA ALA B 80 -2.45 6.22 -14.98
C ALA B 80 -3.94 5.96 -15.15
N VAL B 81 -4.80 6.70 -14.43
CA VAL B 81 -6.24 6.55 -14.61
C VAL B 81 -6.61 6.98 -16.04
N ILE B 82 -6.09 8.16 -16.45
CA ILE B 82 -6.39 8.70 -17.77
C ILE B 82 -5.92 7.74 -18.88
N LYS B 83 -4.69 7.18 -18.79
CA LYS B 83 -4.24 6.19 -19.75
C LYS B 83 -5.18 4.99 -19.91
N HIS B 84 -5.97 4.62 -18.89
CA HIS B 84 -6.85 3.47 -19.00
C HIS B 84 -8.28 3.86 -19.32
N CYS B 85 -8.55 5.16 -19.50
CA CYS B 85 -9.87 5.60 -19.92
C CYS B 85 -9.95 5.68 -21.44
N LYS B 86 -11.11 5.34 -21.98
CA LYS B 86 -11.45 5.53 -23.37
C LYS B 86 -12.05 6.93 -23.57
N ASP B 87 -11.67 7.58 -24.68
CA ASP B 87 -12.33 8.80 -25.13
C ASP B 87 -13.82 8.55 -25.32
N PRO B 88 -14.66 9.59 -25.11
CA PRO B 88 -14.22 10.89 -24.59
C PRO B 88 -14.07 10.87 -23.06
N LEU B 89 -13.14 11.72 -22.58
CA LEU B 89 -12.85 11.86 -21.16
C LEU B 89 -13.85 12.82 -20.54
N ARG B 90 -14.63 12.35 -19.58
CA ARG B 90 -15.51 13.20 -18.79
C ARG B 90 -14.75 13.64 -17.55
N LEU B 91 -14.41 14.93 -17.47
CA LEU B 91 -13.66 15.52 -16.38
C LEU B 91 -14.60 16.28 -15.47
N LYS B 92 -14.70 15.86 -14.19
CA LYS B 92 -15.36 16.67 -13.18
C LYS B 92 -14.29 17.59 -12.57
N CYS B 93 -14.56 18.89 -12.65
CA CYS B 93 -13.63 19.94 -12.31
C CYS B 93 -14.36 21.03 -11.52
N VAL B 94 -13.60 21.86 -10.84
CA VAL B 94 -14.13 22.99 -10.10
C VAL B 94 -13.10 24.11 -10.15
N LYS B 95 -13.54 25.32 -10.50
CA LYS B 95 -12.64 26.45 -10.60
C LYS B 95 -12.20 26.86 -9.20
N GLN B 96 -10.93 27.28 -9.10
CA GLN B 96 -10.41 27.82 -7.86
C GLN B 96 -10.95 29.23 -7.64
N GLY B 97 -11.19 29.55 -6.35
CA GLY B 97 -11.68 30.84 -5.91
C GLY B 97 -12.52 30.67 -4.67
N GLY B 98 -12.53 31.69 -3.78
CA GLY B 98 -13.30 31.62 -2.55
C GLY B 98 -12.76 30.50 -1.67
N ILE B 99 -13.62 29.57 -1.28
CA ILE B 99 -13.22 28.48 -0.40
C ILE B 99 -12.53 27.36 -1.16
N VAL B 100 -12.52 27.39 -2.50
CA VAL B 100 -11.97 26.31 -3.30
C VAL B 100 -10.54 26.65 -3.68
N ASP B 101 -9.62 25.82 -3.16
CA ASP B 101 -8.20 26.03 -3.36
C ASP B 101 -7.48 24.70 -3.53
N LYS B 102 -6.36 24.72 -4.27
CA LYS B 102 -5.62 23.51 -4.59
C LYS B 102 -4.90 22.88 -3.38
N ASP B 103 -4.80 23.59 -2.25
CA ASP B 103 -4.07 23.10 -1.08
C ASP B 103 -4.81 22.00 -0.33
N LEU B 104 -4.24 20.79 -0.23
CA LEU B 104 -4.94 19.63 0.35
C LEU B 104 -5.04 19.75 1.85
N ARG B 105 -3.99 20.29 2.46
CA ARG B 105 -3.97 20.42 3.90
C ARG B 105 -5.12 21.30 4.35
N HIS B 106 -5.26 22.46 3.71
CA HIS B 106 -6.37 23.34 4.03
C HIS B 106 -7.69 22.60 3.82
N TYR B 107 -7.84 21.94 2.67
CA TYR B 107 -9.09 21.28 2.32
C TYR B 107 -9.47 20.21 3.35
N LEU B 108 -8.49 19.41 3.77
CA LEU B 108 -8.78 18.27 4.64
C LEU B 108 -9.05 18.71 6.07
N ASN B 109 -8.78 19.99 6.37
CA ASN B 109 -9.14 20.54 7.65
C ASN B 109 -10.53 21.17 7.60
N LEU B 110 -11.11 21.36 6.41
CA LEU B 110 -12.46 21.92 6.35
C LEU B 110 -13.43 20.92 6.99
N ARG B 111 -14.47 21.47 7.61
CA ARG B 111 -15.49 20.67 8.27
C ARG B 111 -16.78 20.89 7.51
N PHE B 112 -17.31 19.81 6.94
CA PHE B 112 -18.50 19.85 6.13
C PHE B 112 -19.60 19.12 6.88
N GLN B 113 -20.84 19.52 6.64
CA GLN B 113 -21.99 18.88 7.25
C GLN B 113 -22.10 17.41 6.85
N LYS B 114 -22.36 16.54 7.82
CA LYS B 114 -22.48 15.12 7.54
C LYS B 114 -23.62 14.93 6.54
N GLY B 115 -23.45 13.99 5.61
CA GLY B 115 -24.43 13.72 4.56
C GLY B 115 -24.42 14.74 3.40
N SER B 116 -23.62 15.80 3.48
CA SER B 116 -23.53 16.73 2.37
C SER B 116 -22.74 16.08 1.22
N VAL B 117 -22.88 16.67 0.04
CA VAL B 117 -22.07 16.28 -1.10
C VAL B 117 -20.62 16.65 -0.81
N ASP B 118 -20.40 17.77 -0.13
CA ASP B 118 -19.09 18.26 0.27
C ASP B 118 -18.36 17.24 1.16
N HIS B 119 -19.09 16.72 2.15
CA HIS B 119 -18.60 15.70 3.05
C HIS B 119 -18.26 14.41 2.30
N GLU B 120 -19.16 13.92 1.44
CA GLU B 120 -18.94 12.70 0.66
C GLU B 120 -17.67 12.84 -0.20
N LEU B 121 -17.50 13.99 -0.89
CA LEU B 121 -16.30 14.19 -1.69
C LEU B 121 -15.06 14.16 -0.79
N GLN B 122 -15.06 14.87 0.35
CA GLN B 122 -13.91 14.91 1.24
C GLN B 122 -13.51 13.49 1.69
N GLN B 123 -14.51 12.63 1.97
CA GLN B 123 -14.21 11.24 2.34
C GLN B 123 -13.60 10.48 1.17
N ILE B 124 -14.09 10.72 -0.04
CA ILE B 124 -13.54 10.06 -1.22
C ILE B 124 -12.09 10.48 -1.40
N ILE B 125 -11.81 11.77 -1.19
CA ILE B 125 -10.46 12.29 -1.36
C ILE B 125 -9.52 11.69 -0.34
N ARG B 126 -9.99 11.56 0.92
CA ARG B 126 -9.23 10.96 2.00
C ARG B 126 -8.93 9.52 1.66
N ASP B 127 -9.93 8.74 1.22
CA ASP B 127 -9.70 7.37 0.80
C ASP B 127 -8.64 7.28 -0.29
N ASN B 128 -8.64 8.17 -1.28
CA ASN B 128 -7.59 8.18 -2.30
C ASN B 128 -6.21 8.42 -1.68
N LEU B 129 -6.11 9.44 -0.81
CA LEU B 129 -4.82 9.77 -0.20
C LEU B 129 -4.33 8.60 0.70
N TYR B 130 -5.25 7.96 1.41
CA TYR B 130 -4.92 6.81 2.23
C TYR B 130 -4.38 5.63 1.42
N LEU B 131 -4.81 5.43 0.17
CA LEU B 131 -4.27 4.41 -0.70
C LEU B 131 -2.81 4.67 -0.98
N ARG B 132 -2.35 5.92 -0.83
CA ARG B 132 -1.02 6.24 -1.32
C ARG B 132 -0.03 6.50 -0.19
N THR B 133 -0.50 6.41 1.07
CA THR B 133 0.26 6.89 2.21
C THR B 133 0.30 5.87 3.33
N VAL B 134 1.40 5.90 4.07
CA VAL B 134 1.47 5.20 5.35
C VAL B 134 1.32 6.29 6.40
N PRO B 135 0.38 6.15 7.35
CA PRO B 135 0.23 7.14 8.40
C PRO B 135 1.41 7.14 9.35
N CYS B 136 1.59 8.29 10.01
CA CYS B 136 2.56 8.38 11.08
CA CYS B 136 2.56 8.51 11.07
C CYS B 136 1.84 8.51 12.40
N THR B 137 2.49 8.00 13.43
CA THR B 137 1.94 8.14 14.78
C THR B 137 3.07 8.23 15.79
N THR B 138 2.77 8.87 16.93
CA THR B 138 3.71 9.00 18.01
C THR B 138 3.45 7.93 19.05
N ARG B 139 2.37 7.17 18.91
CA ARG B 139 2.17 6.06 19.82
C ARG B 139 3.20 4.95 19.53
N PRO B 140 3.62 4.20 20.57
CA PRO B 140 4.52 3.07 20.38
C PRO B 140 3.94 1.91 19.54
N HIS B 141 4.86 1.24 18.85
CA HIS B 141 4.64 0.03 18.10
C HIS B 141 3.96 -0.99 19.01
N LYS B 142 3.02 -1.74 18.43
CA LYS B 142 2.38 -2.85 19.12
C LYS B 142 2.61 -4.14 18.33
N GLU B 143 2.51 -5.27 19.02
CA GLU B 143 2.63 -6.60 18.42
C GLU B 143 1.74 -6.72 17.19
N GLY B 144 2.31 -7.20 16.09
CA GLY B 144 1.52 -7.40 14.88
C GLY B 144 1.77 -6.34 13.82
N GLU B 145 2.31 -5.17 14.22
CA GLU B 145 2.45 -4.07 13.29
C GLU B 145 3.80 -4.11 12.66
N VAL B 146 3.83 -3.68 11.41
CA VAL B 146 5.05 -3.57 10.65
C VAL B 146 5.42 -2.10 10.47
N PRO B 147 6.54 -1.63 11.04
CA PRO B 147 6.98 -0.26 10.85
C PRO B 147 7.26 0.01 9.40
N GLY B 148 6.85 1.20 8.94
CA GLY B 148 7.00 1.57 7.55
C GLY B 148 5.85 1.10 6.68
N VAL B 149 4.93 0.28 7.21
CA VAL B 149 3.86 -0.32 6.45
C VAL B 149 2.51 -0.05 7.10
N ASP B 150 2.32 -0.47 8.35
CA ASP B 150 1.15 -0.12 9.13
C ASP B 150 1.23 1.33 9.61
N TYR B 151 2.39 1.73 10.18
CA TYR B 151 2.63 3.10 10.57
C TYR B 151 4.10 3.39 10.43
N ILE B 152 4.42 4.64 10.22
CA ILE B 152 5.71 5.20 10.56
C ILE B 152 5.65 5.68 12.02
N PHE B 153 6.45 5.05 12.89
CA PHE B 153 6.47 5.34 14.29
C PHE B 153 7.51 6.44 14.53
N ILE B 154 7.09 7.64 14.95
CA ILE B 154 8.00 8.74 15.09
C ILE B 154 7.81 9.36 16.46
N THR B 155 8.77 10.19 16.88
CA THR B 155 8.64 10.91 18.13
C THR B 155 7.73 12.13 17.91
N VAL B 156 7.26 12.69 19.03
CA VAL B 156 6.51 13.94 19.06
C VAL B 156 7.35 15.02 18.40
N GLU B 157 8.63 15.06 18.71
CA GLU B 157 9.50 16.08 18.16
C GLU B 157 9.48 15.99 16.65
N GLU B 158 9.62 14.76 16.11
CA GLU B 158 9.61 14.54 14.67
C GLU B 158 8.25 14.91 14.08
N PHE B 159 7.19 14.54 14.79
CA PHE B 159 5.85 14.78 14.27
C PHE B 159 5.61 16.29 14.14
N MET B 160 6.08 17.05 15.13
CA MET B 160 5.86 18.48 15.09
C MET B 160 6.73 19.16 14.01
N GLU B 161 7.91 18.63 13.72
CA GLU B 161 8.71 19.14 12.60
C GLU B 161 7.95 18.94 11.29
N LEU B 162 7.34 17.76 11.11
CA LEU B 162 6.55 17.55 9.91
C LEU B 162 5.37 18.51 9.87
N GLU B 163 4.70 18.75 10.99
CA GLU B 163 3.57 19.67 10.98
C GLU B 163 4.05 21.06 10.54
N LYS B 164 5.18 21.48 11.09
CA LYS B 164 5.69 22.83 10.89
C LYS B 164 6.06 23.02 9.42
N SER B 165 6.61 21.98 8.81
CA SER B 165 7.03 22.05 7.42
C SER B 165 5.87 21.86 6.43
N GLY B 166 4.64 21.56 6.88
CA GLY B 166 3.52 21.30 5.98
C GLY B 166 3.56 19.91 5.32
N ALA B 167 4.37 18.98 5.85
CA ALA B 167 4.52 17.66 5.28
C ALA B 167 3.33 16.77 5.65
N LEU B 168 2.60 17.10 6.72
CA LEU B 168 1.42 16.35 7.08
C LEU B 168 0.20 17.00 6.44
N LEU B 169 -0.54 16.22 5.64
CA LEU B 169 -1.73 16.71 4.97
C LEU B 169 -2.97 16.64 5.86
N GLU B 170 -2.93 15.77 6.86
CA GLU B 170 -4.02 15.58 7.80
C GLU B 170 -3.40 15.11 9.12
N SER B 171 -3.95 15.54 10.25
CA SER B 171 -3.45 15.06 11.54
C SER B 171 -4.55 15.15 12.57
N GLY B 172 -4.36 14.41 13.65
CA GLY B 172 -5.32 14.41 14.74
C GLY B 172 -4.70 13.79 15.97
N THR B 173 -5.49 13.70 17.02
CA THR B 173 -5.03 13.07 18.25
C THR B 173 -6.09 12.13 18.78
N TYR B 174 -5.59 11.09 19.46
CA TYR B 174 -6.44 10.09 20.07
C TYR B 174 -5.67 9.42 21.20
N GLU B 175 -6.29 9.41 22.38
CA GLU B 175 -5.75 8.76 23.57
C GLU B 175 -4.27 9.08 23.75
N ASP B 176 -3.98 10.39 23.77
CA ASP B 176 -2.69 10.88 24.24
C ASP B 176 -1.61 10.78 23.15
N ASN B 177 -1.99 10.42 21.92
CA ASN B 177 -1.00 10.38 20.84
C ASN B 177 -1.47 11.16 19.60
N TYR B 178 -0.50 11.48 18.75
CA TYR B 178 -0.68 12.22 17.54
C TYR B 178 -0.67 11.24 16.37
N TYR B 179 -1.53 11.52 15.40
CA TYR B 179 -1.73 10.69 14.23
C TYR B 179 -1.75 11.64 13.04
N GLY B 180 -1.16 11.22 11.92
CA GLY B 180 -1.30 12.03 10.71
C GLY B 180 -0.88 11.29 9.44
N THR B 181 -1.16 11.93 8.30
CA THR B 181 -0.90 11.39 6.99
C THR B 181 0.07 12.35 6.31
N PRO B 182 1.27 11.87 5.96
CA PRO B 182 2.21 12.67 5.19
C PRO B 182 1.92 12.70 3.70
N LYS B 183 2.60 13.61 3.01
CA LYS B 183 2.53 13.65 1.57
C LYS B 183 3.03 12.33 1.02
N PRO B 184 2.39 11.72 -0.02
CA PRO B 184 2.96 10.53 -0.64
C PRO B 184 4.21 10.89 -1.44
N PRO B 185 5.13 9.92 -1.64
CA PRO B 185 6.30 10.12 -2.50
C PRO B 185 5.87 10.45 -3.93
N ALA B 186 6.70 11.21 -4.66
CA ALA B 186 6.39 11.56 -6.05
C ALA B 186 6.52 10.34 -6.98
N GLU B 187 7.75 9.89 -7.20
CA GLU B 187 8.07 8.97 -8.28
C GLU B 187 7.85 9.62 -9.65
N ILE C 1 -7.62 -5.30 2.05
CA ILE C 1 -6.62 -5.27 0.94
C ILE C 1 -7.25 -5.85 -0.31
N ARG C 2 -7.13 -7.17 -0.50
CA ARG C 2 -7.55 -7.78 -1.75
C ARG C 2 -9.07 -7.81 -1.84
N SER C 3 -9.56 -7.76 -3.07
CA SER C 3 -10.98 -7.80 -3.40
C SER C 3 -11.52 -9.21 -3.29
N HIS C 4 -12.86 -9.31 -3.31
CA HIS C 4 -13.54 -10.60 -3.29
C HIS C 4 -13.15 -11.43 -4.51
N SEP C 5 -13.11 -10.80 -5.69
CA SEP C 5 -12.82 -11.57 -6.88
CB SEP C 5 -13.04 -10.72 -8.12
OG SEP C 5 -12.14 -9.60 -8.06
C SEP C 5 -11.43 -12.16 -6.81
O SEP C 5 -11.23 -13.29 -7.25
P SEP C 5 -12.43 -8.30 -8.93
O1P SEP C 5 -12.35 -8.76 -10.38
O2P SEP C 5 -13.73 -7.81 -8.46
O3P SEP C 5 -11.28 -7.35 -8.53
N TYR C 6 -10.45 -11.39 -6.32
CA TYR C 6 -9.07 -11.85 -6.24
C TYR C 6 -9.00 -13.04 -5.29
N LEU C 7 -9.65 -12.90 -4.14
CA LEU C 7 -9.57 -13.95 -3.13
C LEU C 7 -10.25 -15.21 -3.63
N ARG C 8 -11.37 -15.09 -4.37
CA ARG C 8 -11.99 -16.27 -4.95
C ARG C 8 -11.10 -16.87 -6.03
N ALA C 9 -10.41 -16.04 -6.84
CA ALA C 9 -9.51 -16.58 -7.84
C ALA C 9 -8.47 -17.51 -7.23
N VAL C 10 -7.89 -17.15 -6.08
CA VAL C 10 -6.67 -17.80 -5.62
C VAL C 10 -6.93 -18.74 -4.43
N SER C 11 -8.05 -18.65 -3.72
CA SER C 11 -8.09 -19.34 -2.42
C SER C 11 -8.51 -20.80 -2.63
N GLU C 12 -7.87 -21.71 -1.87
CA GLU C 12 -8.00 -23.14 -2.09
C GLU C 12 -7.89 -23.88 -0.75
N ILE D 1 -7.98 0.17 5.05
CA ILE D 1 -6.63 0.82 5.17
C ILE D 1 -6.47 1.31 6.60
N ARG D 2 -6.96 2.51 6.91
CA ARG D 2 -6.70 3.16 8.18
C ARG D 2 -7.45 2.45 9.31
N SER D 3 -6.84 2.46 10.49
CA SER D 3 -7.38 1.83 11.71
C SER D 3 -8.47 2.70 12.31
N HIS D 4 -9.21 2.12 13.27
CA HIS D 4 -10.21 2.85 14.03
C HIS D 4 -9.57 4.03 14.78
N SEP D 5 -8.42 3.81 15.41
CA SEP D 5 -7.82 4.86 16.20
CB SEP D 5 -6.66 4.33 17.00
OG SEP D 5 -5.73 3.78 16.09
C SEP D 5 -7.45 6.05 15.31
O SEP D 5 -7.66 7.19 15.71
P SEP D 5 -4.60 2.77 16.61
O1P SEP D 5 -5.36 1.55 17.06
O2P SEP D 5 -3.77 3.50 17.63
O3P SEP D 5 -3.84 2.45 15.31
N TYR D 6 -6.92 5.76 14.11
CA TYR D 6 -6.54 6.80 13.19
C TYR D 6 -7.77 7.60 12.75
N LEU D 7 -8.83 6.88 12.38
CA LEU D 7 -10.02 7.54 11.88
C LEU D 7 -10.65 8.38 12.98
N ARG D 8 -10.59 7.93 14.25
CA ARG D 8 -11.13 8.73 15.35
C ARG D 8 -10.27 9.93 15.63
N ALA D 9 -8.94 9.79 15.49
CA ALA D 9 -8.05 10.92 15.68
C ALA D 9 -8.40 12.06 14.73
N VAL D 10 -8.71 11.74 13.47
CA VAL D 10 -8.85 12.78 12.46
C VAL D 10 -10.33 13.07 12.19
N SER D 11 -11.26 12.64 13.07
CA SER D 11 -12.69 12.76 12.80
C SER D 11 -13.18 14.18 13.09
N GLU D 12 -14.04 14.70 12.20
CA GLU D 12 -14.62 16.04 12.33
C GLU D 12 -15.98 16.08 11.61
P PO4 E . 19.22 -21.53 -3.61
O1 PO4 E . 19.74 -22.18 -4.90
O2 PO4 E . 17.87 -20.88 -3.87
O3 PO4 E . 19.06 -22.60 -2.54
O4 PO4 E . 20.22 -20.46 -3.15
P PO4 F . -14.68 -19.93 5.45
O1 PO4 F . -13.76 -20.94 6.15
O2 PO4 F . -14.12 -19.61 4.06
O3 PO4 F . -14.73 -18.64 6.28
O4 PO4 F . -16.08 -20.52 5.34
C1 GOL G . 4.44 -6.38 -12.86
O1 GOL G . 4.85 -7.14 -11.73
C2 GOL G . 5.63 -5.80 -13.59
O2 GOL G . 6.20 -4.74 -12.81
C3 GOL G . 6.68 -6.83 -13.95
O3 GOL G . 8.00 -6.29 -13.96
C1 GOL H . 1.48 -2.03 -2.02
O1 GOL H . 0.38 -1.20 -1.64
C2 GOL H . 2.75 -1.21 -2.13
O2 GOL H . 2.84 -0.63 -3.44
C3 GOL H . 2.83 -0.12 -1.08
O3 GOL H . 4.17 0.32 -0.88
C1 GOL I . 6.55 -5.03 20.58
O1 GOL I . 7.41 -4.21 19.77
C2 GOL I . 7.18 -6.38 20.90
O2 GOL I . 6.39 -7.06 21.88
C3 GOL I . 8.61 -6.30 21.39
O3 GOL I . 8.94 -4.99 21.88
C1 GOL J . 3.82 6.55 25.22
O1 GOL J . 5.18 6.88 25.50
C2 GOL J . 3.11 7.66 24.47
O2 GOL J . 3.93 8.11 23.39
C3 GOL J . 2.73 8.84 25.36
O3 GOL J . 1.32 9.05 25.38
C1 GOL K . -21.46 10.90 -26.77
O1 GOL K . -22.43 11.92 -26.56
C2 GOL K . -20.12 11.46 -27.18
O2 GOL K . -19.79 10.98 -28.49
C3 GOL K . -20.04 12.97 -27.14
O3 GOL K . -18.73 13.44 -26.78
C1 GOL L . -1.89 1.15 6.51
O1 GOL L . -2.85 2.11 6.99
C2 GOL L . -2.53 -0.18 6.16
O2 GOL L . -1.57 -1.07 5.60
C3 GOL L . -3.19 -0.89 7.33
O3 GOL L . -2.60 -2.17 7.56
#